data_2EVC
#
_entry.id   2EVC
#
_cell.length_a   37.800
_cell.length_b   60.200
_cell.length_c   50.400
_cell.angle_alpha   90.00
_cell.angle_beta   104.50
_cell.angle_gamma   90.00
#
_symmetry.space_group_name_H-M   'P 1 21 1'
#
loop_
_entity.id
_entity.type
_entity.pdbx_description
1 polymer 'Methionine aminopeptidase'
2 non-polymer 'MANGANESE (II) ION'
3 non-polymer 'SODIUM ION'
4 non-polymer '5-[2-(TRIFLUOROMETHYL)PHENYL]-2-FUROIC ACID'
5 water water
#
_entity_poly.entity_id   1
_entity_poly.type   'polypeptide(L)'
_entity_poly.pdbx_seq_one_letter_code
;MAISIKTPEDIEKMRVAGRLAAEVLEMIEPYVKPGVSTGELDRICNDYIVNEQHAVSACLGYHGYPKSVCISINEVVCHG
IPDDAKLLKDGDIVNIDVTVIKDGFHGDTSKMFIVGKPTIMGERLCRITQESLYLALRMVKPGINLREIGAAIQKFVEAE
GFSVVREYCGHGIGRGFHEEPQVLHYDSRETNVVLKPGMTFTIEPMVNAGKKEIRTMKDGWTVKTKDRSLSAQYEHTIVV
TDNGCEILTLRKDDTIPAIISHDE
;
_entity_poly.pdbx_strand_id   A
#
loop_
_chem_comp.id
_chem_comp.type
_chem_comp.name
_chem_comp.formula
FC3 non-polymer '5-[2-(TRIFLUOROMETHYL)PHENYL]-2-FUROIC ACID' 'C12 H7 F3 O3'
MN non-polymer 'MANGANESE (II) ION' 'Mn 2'
NA non-polymer 'SODIUM ION' 'Na 1'
#
# COMPACT_ATOMS: atom_id res chain seq x y z
N SER A 4 -20.16 -1.52 -1.95
CA SER A 4 -20.84 -2.80 -2.28
C SER A 4 -20.37 -3.91 -1.35
N ILE A 5 -21.25 -4.88 -1.12
CA ILE A 5 -20.90 -6.01 -0.25
C ILE A 5 -20.54 -7.21 -1.13
N LYS A 6 -19.30 -7.65 -1.04
CA LYS A 6 -18.85 -8.79 -1.83
C LYS A 6 -19.53 -10.07 -1.37
N THR A 7 -19.81 -10.95 -2.32
CA THR A 7 -20.44 -12.24 -2.03
C THR A 7 -19.33 -13.20 -1.62
N PRO A 8 -19.72 -14.35 -1.03
CA PRO A 8 -18.73 -15.34 -0.61
C PRO A 8 -17.82 -15.72 -1.78
N GLU A 9 -18.41 -15.81 -2.96
CA GLU A 9 -17.69 -16.16 -4.18
C GLU A 9 -16.71 -15.05 -4.55
N ASP A 10 -17.19 -13.80 -4.51
CA ASP A 10 -16.34 -12.66 -4.84
C ASP A 10 -15.18 -12.55 -3.85
N ILE A 11 -15.47 -12.80 -2.58
CA ILE A 11 -14.43 -12.73 -1.55
C ILE A 11 -13.34 -13.75 -1.83
N GLU A 12 -13.73 -14.95 -2.27
CA GLU A 12 -12.73 -15.97 -2.58
C GLU A 12 -11.84 -15.49 -3.70
N LYS A 13 -12.44 -14.85 -4.70
CA LYS A 13 -11.67 -14.33 -5.83
C LYS A 13 -10.76 -13.22 -5.34
N MET A 14 -11.19 -12.47 -4.33
CA MET A 14 -10.37 -11.39 -3.78
C MET A 14 -9.22 -12.01 -3.01
N ARG A 15 -9.45 -13.17 -2.40
CA ARG A 15 -8.39 -13.84 -1.65
C ARG A 15 -7.29 -14.25 -2.60
N VAL A 16 -7.68 -14.77 -3.76
CA VAL A 16 -6.72 -15.20 -4.76
C VAL A 16 -5.94 -14.00 -5.29
N ALA A 17 -6.65 -12.96 -5.69
CA ALA A 17 -6.00 -11.75 -6.21
C ALA A 17 -5.09 -11.12 -5.16
N GLY A 18 -5.54 -11.11 -3.91
CA GLY A 18 -4.76 -10.52 -2.84
C GLY A 18 -3.49 -11.31 -2.55
N ARG A 19 -3.61 -12.64 -2.58
CA ARG A 19 -2.46 -13.49 -2.34
C ARG A 19 -1.43 -13.31 -3.45
N LEU A 20 -1.89 -13.19 -4.69
CA LEU A 20 -0.99 -12.99 -5.81
C LEU A 20 -0.24 -11.67 -5.64
N ALA A 21 -0.97 -10.62 -5.27
CA ALA A 21 -0.33 -9.32 -5.09
C ALA A 21 0.76 -9.43 -4.02
N ALA A 22 0.43 -10.05 -2.90
CA ALA A 22 1.38 -10.23 -1.80
C ALA A 22 2.59 -11.03 -2.23
N GLU A 23 2.36 -12.06 -3.05
CA GLU A 23 3.47 -12.90 -3.49
C GLU A 23 4.40 -12.20 -4.45
N VAL A 24 3.92 -11.15 -5.12
CA VAL A 24 4.80 -10.41 -6.02
C VAL A 24 5.83 -9.73 -5.13
N LEU A 25 5.37 -9.22 -3.98
CA LEU A 25 6.24 -8.54 -3.04
C LEU A 25 7.22 -9.51 -2.38
N GLU A 26 6.77 -10.72 -2.09
CA GLU A 26 7.65 -11.70 -1.47
C GLU A 26 8.70 -12.13 -2.48
N MET A 27 8.28 -12.26 -3.73
CA MET A 27 9.16 -12.69 -4.81
C MET A 27 10.26 -11.69 -5.13
N ILE A 28 9.91 -10.40 -5.11
CA ILE A 28 10.88 -9.38 -5.46
C ILE A 28 11.91 -9.05 -4.38
N GLU A 29 11.60 -9.38 -3.13
CA GLU A 29 12.48 -9.06 -2.02
C GLU A 29 13.99 -9.29 -2.24
N PRO A 30 14.38 -10.46 -2.75
CA PRO A 30 15.80 -10.76 -2.99
C PRO A 30 16.49 -9.84 -4.00
N TYR A 31 15.71 -9.27 -4.92
CA TYR A 31 16.24 -8.40 -5.95
C TYR A 31 16.44 -6.97 -5.47
N VAL A 32 15.79 -6.62 -4.36
CA VAL A 32 15.90 -5.27 -3.82
C VAL A 32 17.19 -5.12 -3.03
N LYS A 33 18.28 -4.88 -3.76
CA LYS A 33 19.59 -4.72 -3.16
C LYS A 33 20.32 -3.56 -3.82
N PRO A 34 21.40 -3.06 -3.19
CA PRO A 34 22.15 -1.96 -3.78
C PRO A 34 22.59 -2.25 -5.20
N GLY A 35 22.46 -1.27 -6.07
CA GLY A 35 22.88 -1.44 -7.45
C GLY A 35 21.81 -1.80 -8.46
N VAL A 36 20.69 -2.36 -8.00
CA VAL A 36 19.62 -2.73 -8.93
C VAL A 36 18.80 -1.51 -9.33
N SER A 37 18.29 -1.51 -10.55
CA SER A 37 17.48 -0.39 -11.03
C SER A 37 16.01 -0.67 -10.75
N THR A 38 15.23 0.38 -10.52
CA THR A 38 13.81 0.20 -10.27
C THR A 38 13.15 -0.28 -11.55
N GLY A 39 13.78 0.04 -12.68
CA GLY A 39 13.24 -0.40 -13.96
C GLY A 39 13.28 -1.91 -14.06
N GLU A 40 14.40 -2.50 -13.67
CA GLU A 40 14.53 -3.95 -13.73
C GLU A 40 13.60 -4.60 -12.72
N LEU A 41 13.45 -3.98 -11.56
CA LEU A 41 12.56 -4.53 -10.54
C LEU A 41 11.14 -4.61 -11.10
N ASP A 42 10.73 -3.56 -11.81
CA ASP A 42 9.41 -3.52 -12.43
C ASP A 42 9.25 -4.63 -13.47
N ARG A 43 10.27 -4.81 -14.30
CA ARG A 43 10.22 -5.84 -15.33
C ARG A 43 10.11 -7.22 -14.69
N ILE A 44 10.86 -7.43 -13.61
CA ILE A 44 10.83 -8.70 -12.90
C ILE A 44 9.42 -8.94 -12.34
N CYS A 45 8.84 -7.90 -11.76
CA CYS A 45 7.50 -8.02 -11.22
C CYS A 45 6.46 -8.31 -12.31
N ASN A 46 6.56 -7.61 -13.43
CA ASN A 46 5.59 -7.82 -14.51
C ASN A 46 5.68 -9.22 -15.12
N ASP A 47 6.89 -9.69 -15.38
CA ASP A 47 7.06 -11.03 -15.94
C ASP A 47 6.46 -12.06 -14.97
N TYR A 48 6.69 -11.85 -13.68
CA TYR A 48 6.16 -12.76 -12.68
C TYR A 48 4.64 -12.76 -12.68
N ILE A 49 4.06 -11.56 -12.73
CA ILE A 49 2.61 -11.42 -12.72
C ILE A 49 1.97 -12.06 -13.94
N VAL A 50 2.51 -11.76 -15.11
CA VAL A 50 1.97 -12.30 -16.35
C VAL A 50 2.27 -13.77 -16.59
N ASN A 51 3.55 -14.11 -16.60
CA ASN A 51 3.99 -15.47 -16.87
C ASN A 51 3.84 -16.53 -15.78
N GLU A 52 3.92 -16.12 -14.53
CA GLU A 52 3.80 -17.08 -13.43
C GLU A 52 2.44 -17.08 -12.75
N GLN A 53 1.91 -15.90 -12.48
CA GLN A 53 0.62 -15.81 -11.82
C GLN A 53 -0.54 -15.83 -12.81
N HIS A 54 -0.22 -15.64 -14.09
CA HIS A 54 -1.23 -15.61 -15.13
C HIS A 54 -2.27 -14.57 -14.75
N ALA A 55 -1.77 -13.42 -14.31
CA ALA A 55 -2.61 -12.32 -13.91
C ALA A 55 -2.14 -11.12 -14.71
N VAL A 56 -2.64 -9.93 -14.36
CA VAL A 56 -2.24 -8.72 -15.07
C VAL A 56 -2.08 -7.59 -14.06
N SER A 57 -1.17 -6.67 -14.33
CA SER A 57 -1.00 -5.52 -13.45
C SER A 57 -2.15 -4.58 -13.75
N ALA A 58 -2.79 -4.08 -12.69
CA ALA A 58 -3.90 -3.17 -12.87
C ALA A 58 -3.39 -1.73 -13.06
N CYS A 59 -2.12 -1.53 -12.73
CA CYS A 59 -1.49 -0.21 -12.83
C CYS A 59 -1.20 0.25 -14.24
N LEU A 60 -0.63 -0.64 -15.05
CA LEU A 60 -0.27 -0.30 -16.42
C LEU A 60 -1.48 0.18 -17.23
N GLY A 61 -1.47 1.47 -17.57
CA GLY A 61 -2.56 2.04 -18.35
C GLY A 61 -3.58 2.80 -17.53
N TYR A 62 -3.68 2.49 -16.24
CA TYR A 62 -4.64 3.15 -15.37
C TYR A 62 -4.30 4.64 -15.29
N HIS A 63 -5.25 5.47 -15.72
CA HIS A 63 -5.07 6.92 -15.75
C HIS A 63 -3.80 7.23 -16.54
N GLY A 64 -3.39 6.29 -17.37
CA GLY A 64 -2.21 6.48 -18.20
C GLY A 64 -0.88 6.08 -17.57
N TYR A 65 -0.91 5.39 -16.43
CA TYR A 65 0.33 4.99 -15.78
C TYR A 65 1.11 4.08 -16.72
N PRO A 66 2.39 4.41 -16.98
CA PRO A 66 3.30 3.67 -17.86
C PRO A 66 3.92 2.34 -17.42
N LYS A 67 4.00 2.10 -16.12
CA LYS A 67 4.62 0.85 -15.65
C LYS A 67 3.67 -0.15 -14.97
N SER A 68 4.23 -1.29 -14.59
CA SER A 68 3.44 -2.34 -13.97
C SER A 68 3.27 -2.19 -12.47
N VAL A 69 4.27 -1.64 -11.82
CA VAL A 69 4.22 -1.43 -10.38
C VAL A 69 4.73 -0.02 -10.11
N CYS A 70 4.46 0.49 -8.92
CA CYS A 70 4.97 1.81 -8.55
C CYS A 70 6.13 1.55 -7.60
N ILE A 71 7.25 2.24 -7.83
CA ILE A 71 8.41 2.08 -6.97
C ILE A 71 8.84 3.47 -6.57
N SER A 72 8.76 3.73 -5.27
CA SER A 72 9.10 5.05 -4.72
C SER A 72 10.23 4.95 -3.71
N ILE A 73 11.27 5.76 -3.92
CA ILE A 73 12.44 5.75 -3.06
C ILE A 73 12.55 6.98 -2.16
N ASN A 74 12.89 6.75 -0.90
CA ASN A 74 13.10 7.82 0.08
C ASN A 74 12.08 8.95 0.09
N GLU A 75 12.47 10.13 -0.40
CA GLU A 75 11.57 11.27 -0.39
C GLU A 75 10.41 11.18 -1.38
N VAL A 76 10.44 10.20 -2.27
CA VAL A 76 9.32 10.03 -3.20
C VAL A 76 8.20 9.43 -2.37
N VAL A 77 7.05 10.09 -2.38
CA VAL A 77 5.89 9.66 -1.60
C VAL A 77 5.11 8.53 -2.25
N CYS A 78 4.87 8.66 -3.55
CA CYS A 78 4.12 7.63 -4.25
C CYS A 78 4.23 7.82 -5.74
N HIS A 79 3.72 6.82 -6.47
CA HIS A 79 3.68 6.82 -7.92
C HIS A 79 5.04 6.95 -8.59
N GLY A 80 6.09 6.53 -7.88
CA GLY A 80 7.41 6.58 -8.47
C GLY A 80 7.39 5.68 -9.69
N ILE A 81 7.91 6.17 -10.80
CA ILE A 81 7.94 5.40 -12.03
C ILE A 81 9.22 4.62 -12.20
N PRO A 82 9.13 3.29 -12.29
CA PRO A 82 10.33 2.46 -12.46
C PRO A 82 11.16 2.97 -13.63
N ASP A 83 12.47 3.06 -13.42
CA ASP A 83 13.36 3.54 -14.47
C ASP A 83 14.67 2.78 -14.44
N ASP A 84 15.11 2.32 -15.61
CA ASP A 84 16.34 1.55 -15.72
C ASP A 84 17.56 2.33 -15.26
N ALA A 85 17.44 3.65 -15.20
CA ALA A 85 18.55 4.50 -14.78
C ALA A 85 18.53 4.89 -13.31
N LYS A 86 17.51 4.44 -12.57
CA LYS A 86 17.42 4.75 -11.15
C LYS A 86 17.87 3.55 -10.33
N LEU A 87 19.05 3.63 -9.74
CA LEU A 87 19.58 2.54 -8.96
C LEU A 87 19.39 2.70 -7.47
N LEU A 88 19.12 1.59 -6.79
CA LEU A 88 18.94 1.60 -5.36
C LEU A 88 20.34 1.67 -4.76
N LYS A 89 20.45 2.32 -3.61
CA LYS A 89 21.75 2.44 -2.96
C LYS A 89 21.62 2.20 -1.47
N ASP A 90 22.75 1.91 -0.84
CA ASP A 90 22.81 1.65 0.60
C ASP A 90 22.09 2.73 1.39
N GLY A 91 21.21 2.30 2.31
CA GLY A 91 20.48 3.26 3.12
C GLY A 91 19.09 3.62 2.63
N ASP A 92 18.83 3.43 1.33
CA ASP A 92 17.52 3.74 0.76
C ASP A 92 16.38 2.96 1.38
N ILE A 93 15.21 3.58 1.37
CA ILE A 93 13.99 2.93 1.82
C ILE A 93 13.18 3.00 0.52
N VAL A 94 12.59 1.87 0.14
CA VAL A 94 11.87 1.80 -1.12
C VAL A 94 10.53 1.12 -0.97
N ASN A 95 9.50 1.74 -1.54
CA ASN A 95 8.19 1.14 -1.51
C ASN A 95 7.92 0.58 -2.89
N ILE A 96 7.41 -0.65 -2.92
CA ILE A 96 7.03 -1.25 -4.18
C ILE A 96 5.55 -1.50 -3.96
N ASP A 97 4.73 -0.88 -4.81
CA ASP A 97 3.29 -1.00 -4.70
C ASP A 97 2.76 -1.83 -5.85
N VAL A 98 2.09 -2.92 -5.51
CA VAL A 98 1.55 -3.85 -6.49
C VAL A 98 0.04 -3.95 -6.48
N THR A 99 -0.52 -4.10 -7.67
CA THR A 99 -1.95 -4.32 -7.82
C THR A 99 -2.12 -5.23 -9.02
N VAL A 100 -2.67 -6.40 -8.78
CA VAL A 100 -2.89 -7.34 -9.85
C VAL A 100 -4.36 -7.61 -9.99
N ILE A 101 -4.77 -7.95 -11.21
CA ILE A 101 -6.16 -8.28 -11.46
C ILE A 101 -6.13 -9.75 -11.86
N LYS A 102 -6.94 -10.55 -11.18
CA LYS A 102 -7.02 -11.98 -11.45
C LYS A 102 -8.48 -12.37 -11.39
N ASP A 103 -8.96 -12.97 -12.48
CA ASP A 103 -10.35 -13.40 -12.56
C ASP A 103 -11.30 -12.24 -12.27
N GLY A 104 -10.95 -11.06 -12.76
CA GLY A 104 -11.79 -9.88 -12.57
C GLY A 104 -11.63 -9.10 -11.28
N PHE A 105 -10.90 -9.63 -10.32
CA PHE A 105 -10.75 -8.93 -9.06
C PHE A 105 -9.34 -8.44 -8.78
N HIS A 106 -9.26 -7.35 -8.02
CA HIS A 106 -7.99 -6.72 -7.67
C HIS A 106 -7.43 -7.03 -6.28
N GLY A 107 -6.11 -7.16 -6.24
CA GLY A 107 -5.38 -7.40 -5.00
C GLY A 107 -4.42 -6.22 -5.02
N ASP A 108 -4.43 -5.41 -3.96
CA ASP A 108 -3.63 -4.20 -3.90
C ASP A 108 -2.80 -4.16 -2.63
N THR A 109 -1.48 -4.09 -2.77
CA THR A 109 -0.64 -4.08 -1.58
C THR A 109 0.74 -3.53 -1.84
N SER A 110 1.36 -2.98 -0.80
CA SER A 110 2.70 -2.43 -0.94
C SER A 110 3.44 -2.58 0.37
N LYS A 111 4.75 -2.50 0.30
CA LYS A 111 5.55 -2.58 1.51
C LYS A 111 6.85 -1.82 1.29
N MET A 112 7.51 -1.51 2.40
CA MET A 112 8.79 -0.81 2.35
C MET A 112 9.91 -1.84 2.43
N PHE A 113 11.00 -1.57 1.73
CA PHE A 113 12.18 -2.42 1.76
C PHE A 113 13.32 -1.49 2.15
N ILE A 114 14.18 -1.92 3.06
CA ILE A 114 15.32 -1.08 3.43
C ILE A 114 16.49 -1.68 2.68
N VAL A 115 17.21 -0.84 1.94
CA VAL A 115 18.34 -1.28 1.13
C VAL A 115 19.69 -1.14 1.80
N GLY A 116 20.47 -2.22 1.74
CA GLY A 116 21.80 -2.20 2.35
C GLY A 116 21.74 -1.94 3.84
N LYS A 117 22.75 -1.24 4.35
CA LYS A 117 22.79 -0.93 5.77
C LYS A 117 21.66 0.05 6.08
N PRO A 118 20.74 -0.35 6.98
CA PRO A 118 19.63 0.52 7.33
C PRO A 118 20.05 1.69 8.19
N THR A 119 19.33 2.81 8.06
CA THR A 119 19.61 3.99 8.86
C THR A 119 18.53 3.91 9.93
N ILE A 120 18.85 4.34 11.15
CA ILE A 120 17.88 4.29 12.23
C ILE A 120 16.62 5.07 11.88
N MET A 121 16.79 6.20 11.20
CA MET A 121 15.65 7.02 10.81
C MET A 121 14.75 6.25 9.83
N GLY A 122 15.35 5.71 8.79
CA GLY A 122 14.60 4.94 7.81
C GLY A 122 13.89 3.77 8.45
N GLU A 123 14.60 3.02 9.28
CA GLU A 123 14.01 1.86 9.95
C GLU A 123 12.84 2.28 10.83
N ARG A 124 12.99 3.41 11.49
CA ARG A 124 11.94 3.92 12.37
C ARG A 124 10.71 4.38 11.58
N LEU A 125 10.93 5.13 10.51
CA LEU A 125 9.82 5.60 9.68
C LEU A 125 9.03 4.44 9.09
N CYS A 126 9.72 3.44 8.57
CA CYS A 126 9.04 2.29 7.99
C CYS A 126 8.31 1.50 9.05
N ARG A 127 8.96 1.28 10.19
CA ARG A 127 8.36 0.53 11.28
C ARG A 127 7.08 1.21 11.76
N ILE A 128 7.16 2.52 12.00
CA ILE A 128 6.00 3.28 12.48
C ILE A 128 4.88 3.30 11.44
N THR A 129 5.26 3.46 10.18
CA THR A 129 4.27 3.49 9.11
C THR A 129 3.53 2.17 9.07
N GLN A 130 4.26 1.07 9.13
CA GLN A 130 3.62 -0.23 9.11
C GLN A 130 2.75 -0.40 10.35
N GLU A 131 3.24 0.07 11.49
CA GLU A 131 2.48 -0.03 12.73
C GLU A 131 1.19 0.78 12.63
N SER A 132 1.21 1.87 11.89
CA SER A 132 0.01 2.70 11.74
C SER A 132 -1.00 1.94 10.90
N LEU A 133 -0.52 1.12 9.98
CA LEU A 133 -1.40 0.33 9.14
C LEU A 133 -1.96 -0.78 10.02
N TYR A 134 -1.07 -1.39 10.80
CA TYR A 134 -1.45 -2.47 11.69
C TYR A 134 -2.49 -2.07 12.73
N LEU A 135 -2.29 -0.91 13.37
CA LEU A 135 -3.25 -0.47 14.37
C LEU A 135 -4.61 -0.24 13.73
N ALA A 136 -4.61 0.25 12.49
CA ALA A 136 -5.85 0.50 11.77
C ALA A 136 -6.54 -0.82 11.50
N LEU A 137 -5.77 -1.78 11.01
CA LEU A 137 -6.30 -3.10 10.70
C LEU A 137 -6.92 -3.74 11.94
N ARG A 138 -6.32 -3.50 13.10
CA ARG A 138 -6.83 -4.07 14.34
C ARG A 138 -8.15 -3.41 14.77
N MET A 139 -8.49 -2.28 14.15
CA MET A 139 -9.74 -1.58 14.48
C MET A 139 -10.89 -1.96 13.57
N VAL A 140 -10.57 -2.57 12.44
CA VAL A 140 -11.59 -2.94 11.47
C VAL A 140 -12.58 -4.01 11.89
N LYS A 141 -13.85 -3.64 11.89
CA LYS A 141 -14.95 -4.53 12.23
C LYS A 141 -16.26 -3.81 11.96
N PRO A 142 -17.35 -4.56 11.77
CA PRO A 142 -18.66 -3.96 11.49
C PRO A 142 -19.07 -2.94 12.56
N GLY A 143 -19.71 -1.86 12.13
CA GLY A 143 -20.16 -0.84 13.06
C GLY A 143 -19.21 0.32 13.28
N ILE A 144 -17.92 0.08 13.08
CA ILE A 144 -16.93 1.13 13.27
C ILE A 144 -16.98 2.09 12.08
N ASN A 145 -16.75 3.37 12.32
CA ASN A 145 -16.76 4.35 11.25
C ASN A 145 -15.34 4.54 10.75
N LEU A 146 -15.17 4.66 9.44
CA LEU A 146 -13.85 4.86 8.86
C LEU A 146 -13.18 6.08 9.46
N ARG A 147 -13.99 7.08 9.84
CA ARG A 147 -13.43 8.29 10.41
C ARG A 147 -12.61 7.98 11.65
N GLU A 148 -13.09 7.04 12.47
CA GLU A 148 -12.37 6.65 13.68
C GLU A 148 -11.01 6.09 13.34
N ILE A 149 -10.99 5.20 12.35
CA ILE A 149 -9.75 4.56 11.92
C ILE A 149 -8.77 5.59 11.38
N GLY A 150 -9.25 6.49 10.51
CA GLY A 150 -8.40 7.51 9.96
C GLY A 150 -7.82 8.37 11.08
N ALA A 151 -8.67 8.67 12.06
CA ALA A 151 -8.25 9.48 13.20
C ALA A 151 -7.14 8.79 13.99
N ALA A 152 -7.31 7.48 14.23
CA ALA A 152 -6.34 6.71 14.99
C ALA A 152 -4.98 6.65 14.28
N ILE A 153 -4.99 6.48 12.96
CA ILE A 153 -3.75 6.43 12.19
C ILE A 153 -2.99 7.74 12.35
N GLN A 154 -3.69 8.84 12.11
CA GLN A 154 -3.10 10.16 12.21
C GLN A 154 -2.54 10.46 13.60
N LYS A 155 -3.31 10.12 14.62
CA LYS A 155 -2.89 10.35 15.99
C LYS A 155 -1.57 9.63 16.30
N PHE A 156 -1.48 8.36 15.88
CA PHE A 156 -0.29 7.56 16.12
C PHE A 156 0.93 8.12 15.36
N VAL A 157 0.73 8.40 14.08
CA VAL A 157 1.79 8.92 13.23
C VAL A 157 2.32 10.28 13.71
N GLU A 158 1.41 11.20 14.01
CA GLU A 158 1.84 12.53 14.44
C GLU A 158 2.53 12.48 15.79
N ALA A 159 2.17 11.50 16.62
CA ALA A 159 2.78 11.37 17.94
C ALA A 159 4.25 10.97 17.77
N GLU A 160 4.57 10.41 16.61
CA GLU A 160 5.94 10.00 16.32
C GLU A 160 6.72 11.15 15.70
N GLY A 161 6.04 12.28 15.54
CA GLY A 161 6.70 13.43 14.95
C GLY A 161 6.66 13.36 13.43
N PHE A 162 5.81 12.47 12.91
CA PHE A 162 5.67 12.32 11.46
C PHE A 162 4.34 12.91 11.03
N SER A 163 4.07 12.90 9.73
CA SER A 163 2.84 13.45 9.19
C SER A 163 2.16 12.51 8.21
N VAL A 164 0.85 12.67 8.05
CA VAL A 164 0.08 11.84 7.12
C VAL A 164 -0.25 12.62 5.87
N VAL A 165 0.04 12.03 4.71
CA VAL A 165 -0.24 12.68 3.44
C VAL A 165 -1.75 12.69 3.23
N ARG A 166 -2.27 13.87 2.88
CA ARG A 166 -3.70 14.03 2.70
C ARG A 166 -4.25 13.81 1.31
N GLU A 167 -3.41 14.01 0.29
CA GLU A 167 -3.86 13.86 -1.09
C GLU A 167 -4.25 12.47 -1.53
N TYR A 168 -3.83 11.45 -0.77
CA TYR A 168 -4.13 10.07 -1.15
C TYR A 168 -4.78 9.30 -0.02
N CYS A 169 -5.59 8.33 -0.39
CA CYS A 169 -6.32 7.54 0.58
C CYS A 169 -6.51 6.09 0.16
N GLY A 170 -7.02 5.31 1.10
CA GLY A 170 -7.32 3.92 0.84
C GLY A 170 -8.59 3.95 0.03
N HIS A 171 -9.08 2.80 -0.39
CA HIS A 171 -10.25 2.80 -1.24
C HIS A 171 -10.92 1.44 -1.29
N GLY A 172 -12.20 1.45 -1.64
CA GLY A 172 -12.91 0.20 -1.79
C GLY A 172 -12.22 -0.46 -2.98
N ILE A 173 -12.35 -1.76 -3.10
CA ILE A 173 -11.68 -2.47 -4.18
C ILE A 173 -12.44 -3.76 -4.48
N GLY A 174 -12.38 -4.20 -5.73
CA GLY A 174 -13.08 -5.41 -6.12
C GLY A 174 -12.89 -5.58 -7.61
N ARG A 175 -13.97 -5.53 -8.37
CA ARG A 175 -13.88 -5.63 -9.82
C ARG A 175 -13.28 -4.33 -10.32
N GLY A 176 -13.34 -3.32 -9.46
CA GLY A 176 -12.77 -2.02 -9.78
C GLY A 176 -11.53 -1.82 -8.93
N PHE A 177 -10.52 -1.18 -9.51
CA PHE A 177 -9.27 -0.90 -8.80
C PHE A 177 -9.62 0.00 -7.62
N HIS A 178 -10.24 1.13 -7.91
CA HIS A 178 -10.64 2.07 -6.87
C HIS A 178 -12.14 2.22 -6.84
N GLU A 179 -12.77 1.66 -5.80
CA GLU A 179 -14.22 1.75 -5.64
C GLU A 179 -14.50 2.52 -4.37
N GLU A 180 -15.75 2.87 -4.14
CA GLU A 180 -16.10 3.57 -2.90
C GLU A 180 -15.97 2.50 -1.83
N PRO A 181 -15.74 2.89 -0.58
CA PRO A 181 -15.61 4.26 -0.09
C PRO A 181 -14.16 4.71 -0.13
N GLN A 182 -13.94 5.98 0.19
CA GLN A 182 -12.59 6.52 0.27
C GLN A 182 -12.19 6.22 1.71
N VAL A 183 -10.95 5.81 1.91
CA VAL A 183 -10.46 5.48 3.25
C VAL A 183 -9.35 6.45 3.62
N LEU A 184 -9.74 7.56 4.24
CA LEU A 184 -8.76 8.57 4.63
C LEU A 184 -7.93 8.07 5.80
N HIS A 185 -6.66 8.47 5.82
CA HIS A 185 -5.75 8.05 6.89
C HIS A 185 -5.55 9.15 7.90
N TYR A 186 -6.54 10.03 7.98
CA TYR A 186 -6.51 11.12 8.93
C TYR A 186 -7.95 11.47 9.23
N ASP A 187 -8.17 12.20 10.32
CA ASP A 187 -9.50 12.58 10.72
C ASP A 187 -10.09 13.67 9.80
N SER A 188 -11.30 13.42 9.31
CA SER A 188 -11.98 14.38 8.45
C SER A 188 -13.46 14.43 8.77
N ARG A 189 -13.99 15.64 8.81
CA ARG A 189 -15.39 15.86 9.12
C ARG A 189 -16.28 15.35 7.98
N GLU A 190 -15.66 15.12 6.82
CA GLU A 190 -16.41 14.63 5.67
C GLU A 190 -16.61 13.12 5.71
N THR A 191 -15.76 12.43 6.46
CA THR A 191 -15.84 10.98 6.55
C THR A 191 -16.97 10.44 7.43
N ASN A 192 -17.89 9.70 6.84
CA ASN A 192 -18.99 9.11 7.57
C ASN A 192 -19.38 7.81 6.89
N VAL A 193 -18.58 6.78 7.13
CA VAL A 193 -18.82 5.47 6.54
C VAL A 193 -18.73 4.40 7.60
N VAL A 194 -19.85 3.72 7.84
CA VAL A 194 -19.89 2.68 8.85
C VAL A 194 -19.60 1.34 8.19
N LEU A 195 -18.58 0.65 8.67
CA LEU A 195 -18.19 -0.64 8.11
C LEU A 195 -19.28 -1.70 8.22
N LYS A 196 -19.35 -2.53 7.18
CA LYS A 196 -20.32 -3.61 7.10
C LYS A 196 -19.57 -4.86 6.63
N PRO A 197 -20.00 -6.04 7.10
CA PRO A 197 -19.32 -7.28 6.68
C PRO A 197 -19.37 -7.45 5.16
N GLY A 198 -18.30 -7.97 4.58
CA GLY A 198 -18.27 -8.16 3.14
C GLY A 198 -17.68 -6.99 2.37
N MET A 199 -17.41 -5.90 3.07
CA MET A 199 -16.82 -4.73 2.41
C MET A 199 -15.34 -5.03 2.23
N THR A 200 -14.81 -4.71 1.05
CA THR A 200 -13.40 -4.93 0.78
C THR A 200 -12.79 -3.58 0.40
N PHE A 201 -11.74 -3.20 1.12
CA PHE A 201 -11.07 -1.95 0.83
C PHE A 201 -9.62 -2.04 1.26
N THR A 202 -8.87 -1.00 0.97
CA THR A 202 -7.47 -0.95 1.32
C THR A 202 -7.21 0.10 2.38
N ILE A 203 -6.11 -0.06 3.09
CA ILE A 203 -5.65 0.90 4.07
C ILE A 203 -4.21 1.02 3.61
N GLU A 204 -3.78 2.23 3.31
CA GLU A 204 -2.44 2.44 2.78
C GLU A 204 -1.90 3.82 3.12
N PRO A 205 -1.70 4.07 4.42
CA PRO A 205 -1.17 5.37 4.83
C PRO A 205 0.19 5.73 4.27
N MET A 206 0.32 6.99 3.85
CA MET A 206 1.58 7.53 3.35
C MET A 206 2.04 8.43 4.48
N VAL A 207 3.18 8.11 5.07
CA VAL A 207 3.69 8.86 6.20
C VAL A 207 5.01 9.55 5.88
N ASN A 208 5.05 10.86 6.14
CA ASN A 208 6.24 11.64 5.89
C ASN A 208 7.00 11.84 7.19
N ALA A 209 8.33 11.82 7.11
CA ALA A 209 9.13 12.05 8.29
C ALA A 209 9.01 13.53 8.63
N GLY A 210 8.92 14.35 7.60
CA GLY A 210 8.80 15.79 7.78
C GLY A 210 7.37 16.29 7.65
N LYS A 211 7.19 17.37 6.90
CA LYS A 211 5.86 17.95 6.71
C LYS A 211 5.00 17.17 5.72
N LYS A 212 3.69 17.33 5.84
CA LYS A 212 2.73 16.62 5.00
C LYS A 212 2.66 17.07 3.55
N GLU A 213 3.00 18.33 3.29
CA GLU A 213 2.95 18.87 1.94
C GLU A 213 3.75 18.06 0.93
N ILE A 214 3.19 17.91 -0.27
CA ILE A 214 3.83 17.17 -1.32
C ILE A 214 4.04 18.01 -2.57
N ARG A 215 4.78 17.45 -3.53
CA ARG A 215 5.07 18.10 -4.80
C ARG A 215 5.07 17.04 -5.88
N THR A 216 4.38 17.29 -6.98
CA THR A 216 4.37 16.33 -8.07
C THR A 216 5.44 16.78 -9.06
N MET A 217 6.27 15.84 -9.50
CA MET A 217 7.33 16.16 -10.44
C MET A 217 6.77 16.50 -11.81
N LYS A 218 7.64 16.82 -12.75
CA LYS A 218 7.19 17.21 -14.08
C LYS A 218 6.97 16.07 -15.06
N ASP A 219 6.92 14.85 -14.54
CA ASP A 219 6.67 13.70 -15.39
C ASP A 219 5.19 13.37 -15.23
N GLY A 220 4.52 14.21 -14.44
CA GLY A 220 3.11 14.06 -14.17
C GLY A 220 2.73 12.84 -13.35
N TRP A 221 3.70 12.27 -12.65
CA TRP A 221 3.45 11.09 -11.83
C TRP A 221 4.15 11.09 -10.49
N THR A 222 5.47 11.18 -10.54
CA THR A 222 6.27 11.15 -9.32
C THR A 222 5.88 12.23 -8.33
N VAL A 223 5.62 11.79 -7.11
CA VAL A 223 5.23 12.69 -6.02
C VAL A 223 6.31 12.61 -4.95
N LYS A 224 6.80 13.77 -4.52
CA LYS A 224 7.82 13.83 -3.49
C LYS A 224 7.30 14.68 -2.35
N THR A 225 7.96 14.59 -1.21
CA THR A 225 7.60 15.39 -0.05
C THR A 225 8.09 16.79 -0.42
N LYS A 226 7.32 17.81 -0.08
CA LYS A 226 7.71 19.17 -0.40
C LYS A 226 9.05 19.52 0.24
N ASP A 227 9.25 19.08 1.47
CA ASP A 227 10.51 19.35 2.18
C ASP A 227 11.58 18.31 1.90
N ARG A 228 11.28 17.39 1.00
CA ARG A 228 12.22 16.32 0.63
C ARG A 228 12.60 15.42 1.78
N SER A 229 11.71 15.28 2.76
CA SER A 229 11.96 14.41 3.90
C SER A 229 11.55 13.00 3.43
N LEU A 230 11.98 11.99 4.17
CA LEU A 230 11.63 10.61 3.82
C LEU A 230 10.12 10.38 3.95
N SER A 231 9.59 9.49 3.11
CA SER A 231 8.17 9.15 3.15
C SER A 231 8.04 7.65 2.97
N ALA A 232 7.18 7.03 3.77
CA ALA A 232 6.98 5.59 3.69
C ALA A 232 5.51 5.26 3.60
N GLN A 233 5.21 4.08 3.08
CA GLN A 233 3.84 3.61 2.92
C GLN A 233 3.78 2.09 2.94
N TYR A 234 2.72 1.57 3.54
CA TYR A 234 2.48 0.14 3.56
C TYR A 234 1.00 0.04 3.21
N GLU A 235 0.63 -1.04 2.54
CA GLU A 235 -0.76 -1.20 2.14
C GLU A 235 -1.21 -2.63 2.15
N HIS A 236 -2.45 -2.84 2.57
CA HIS A 236 -3.05 -4.17 2.58
C HIS A 236 -4.49 -4.04 2.10
N THR A 237 -4.96 -5.10 1.45
CA THR A 237 -6.34 -5.16 1.00
C THR A 237 -6.99 -6.08 2.02
N ILE A 238 -8.17 -5.69 2.49
CA ILE A 238 -8.86 -6.49 3.48
C ILE A 238 -10.33 -6.65 3.17
N VAL A 239 -10.95 -7.60 3.86
CA VAL A 239 -12.36 -7.86 3.73
C VAL A 239 -12.88 -7.78 5.16
N VAL A 240 -13.95 -7.04 5.38
CA VAL A 240 -14.53 -6.92 6.70
C VAL A 240 -15.28 -8.21 6.98
N THR A 241 -15.03 -8.81 8.14
CA THR A 241 -15.70 -10.06 8.52
C THR A 241 -16.79 -9.74 9.54
N ASP A 242 -17.39 -10.76 10.11
CA ASP A 242 -18.45 -10.54 11.10
C ASP A 242 -17.92 -9.97 12.41
N ASN A 243 -16.70 -10.37 12.78
CA ASN A 243 -16.12 -9.91 14.04
C ASN A 243 -14.78 -9.20 13.87
N GLY A 244 -14.51 -8.68 12.68
CA GLY A 244 -13.25 -8.00 12.46
C GLY A 244 -12.90 -7.93 10.98
N CYS A 245 -11.75 -8.49 10.62
CA CYS A 245 -11.34 -8.49 9.22
C CYS A 245 -10.32 -9.56 8.90
N GLU A 246 -10.12 -9.76 7.61
CA GLU A 246 -9.16 -10.74 7.12
C GLU A 246 -8.27 -10.00 6.13
N ILE A 247 -6.96 -10.05 6.36
CA ILE A 247 -6.01 -9.39 5.47
C ILE A 247 -5.81 -10.33 4.30
N LEU A 248 -6.20 -9.87 3.11
CA LEU A 248 -6.09 -10.68 1.91
C LEU A 248 -4.73 -10.64 1.22
N THR A 249 -3.90 -9.69 1.63
CA THR A 249 -2.59 -9.53 1.03
C THR A 249 -1.44 -9.74 2.02
N LEU A 250 -1.67 -10.57 3.03
CA LEU A 250 -0.65 -10.84 4.05
C LEU A 250 0.57 -11.52 3.45
N ARG A 251 1.75 -11.17 3.95
CA ARG A 251 3.00 -11.77 3.50
C ARG A 251 3.65 -12.53 4.65
N LYS A 252 4.65 -13.35 4.29
CA LYS A 252 5.37 -14.15 5.27
C LYS A 252 6.06 -13.25 6.28
N ASP A 253 6.49 -12.07 5.85
CA ASP A 253 7.18 -11.15 6.74
C ASP A 253 6.26 -10.25 7.57
N ASP A 254 4.97 -10.28 7.30
CA ASP A 254 4.03 -9.48 8.08
C ASP A 254 4.08 -9.98 9.52
N THR A 255 3.92 -9.07 10.47
CA THR A 255 3.94 -9.43 11.88
C THR A 255 2.59 -9.17 12.50
N ILE A 256 1.55 -9.48 11.73
CA ILE A 256 0.17 -9.34 12.16
C ILE A 256 -0.55 -10.55 11.56
N PRO A 257 -1.55 -11.09 12.26
CA PRO A 257 -2.32 -12.25 11.80
C PRO A 257 -3.17 -11.94 10.59
N ALA A 258 -3.36 -12.94 9.73
CA ALA A 258 -4.17 -12.77 8.53
C ALA A 258 -5.61 -12.52 8.96
N ILE A 259 -6.07 -13.28 9.95
CA ILE A 259 -7.42 -13.13 10.43
C ILE A 259 -7.40 -12.43 11.78
N ILE A 260 -8.00 -11.26 11.84
CA ILE A 260 -8.08 -10.48 13.07
C ILE A 260 -9.47 -10.62 13.65
N SER A 261 -9.58 -11.34 14.76
CA SER A 261 -10.86 -11.58 15.41
C SER A 261 -11.10 -10.67 16.63
N HIS A 262 -12.37 -10.39 16.89
CA HIS A 262 -12.75 -9.55 18.02
C HIS A 262 -13.86 -10.22 18.82
MN MN B . -1.35 0.03 -4.11
MN MN C . -4.53 1.19 -3.10
NA NA D . 9.46 7.30 0.05
OA FC3 E . -3.14 3.86 -6.94
CA FC3 E . -2.50 3.10 -6.03
C FC3 E . -3.18 2.44 -4.93
OB FC3 E . -4.42 2.59 -4.81
CB FC3 E . -1.16 3.09 -6.34
CG FC3 E . -0.99 3.88 -7.49
CD FC3 E . -2.25 4.35 -7.84
OXT FC3 E . -2.55 1.75 -4.10
C1 FC3 E . -2.64 5.23 -8.98
C2 FC3 E . -2.30 4.98 -10.38
C3 FC3 E . -2.73 5.89 -11.38
C4 FC3 E . -3.49 7.03 -11.06
C5 FC3 E . -3.83 7.30 -9.72
C6 FC3 E . -3.41 6.41 -8.69
CL1 FC3 E . -1.50 3.78 -10.80
F1 FC3 E . -1.97 2.69 -10.21
F2 FC3 E . -1.59 3.64 -12.11
F3 FC3 E . -0.24 3.96 -10.45
#